data_4MPV
#
_entry.id   4MPV
#
_cell.length_a   78.490
_cell.length_b   78.490
_cell.length_c   165.481
_cell.angle_alpha   90.000
_cell.angle_beta   90.000
_cell.angle_gamma   120.000
#
_symmetry.space_group_name_H-M   'P 31 2 1'
#
loop_
_entity.id
_entity.type
_entity.pdbx_description
1 polymer 'Tryptase alpha/beta-1'
2 non-polymer "(2R,4S)-N,N'-bis[3-({4-[3-(aminomethyl)phenyl]piperidin-1-yl}carbonyl)phenyl]-4-hydroxy-2-(2-hydroxypropan-2-yl)-5,5-dimethyl-1,3-dioxolane-2,4-dicarboxamide"
3 non-polymer 'SULFATE ION'
4 non-polymer '2-(N-MORPHOLINO)-ETHANESULFONIC ACID'
5 non-polymer 'CHLORIDE ION'
6 water water
#
_entity_poly.entity_id   1
_entity_poly.type   'polypeptide(L)'
_entity_poly.pdbx_seq_one_letter_code
;IVGGQEAPRSKWPWQVSLRVHGPYWMHFCGGSLIHPQWVLTAAHCVGPDVKDLAALRVQLREQHLYYQDQLLPVSRIIVH
PQFYTAQIGADIALLELEEPVKVSSHVHTVTLPPASETFPPGMPCWVTGWGDVDNDERLPPPFPLKQVKVPIMENHICDA
KYHLGAYTGDDVRIVRDDMLCAGNTRRDSCQGDSGGPLVCKVNGTWLQAGVVSWGEGCAQPNRPGIYTRVTYYLDWIHHY
VPKKP
;
_entity_poly.pdbx_strand_id   A,B
#
loop_
_chem_comp.id
_chem_comp.type
_chem_comp.name
_chem_comp.formula
2A4 non-polymer (2R,4S)-N,N'-bis[3-({4-[3-(aminomethyl)phenyl]piperidin-1-yl}carbonyl)phenyl]-4-hydroxy-2-(2-hydroxypropan-2-yl)-5,5-dimethyl-1,3-dioxolane-2,4-dicarboxamide 'C48 H58 N6 O8'
CL non-polymer 'CHLORIDE ION' 'Cl -1'
MES non-polymer '2-(N-MORPHOLINO)-ETHANESULFONIC ACID' 'C6 H13 N O4 S'
SO4 non-polymer 'SULFATE ION' 'O4 S -2'
#
# COMPACT_ATOMS: atom_id res chain seq x y z
N ILE A 1 14.12 -14.79 -1.42
CA ILE A 1 13.89 -15.73 -2.56
C ILE A 1 13.25 -17.00 -2.06
N VAL A 2 12.13 -17.36 -2.66
CA VAL A 2 11.43 -18.58 -2.31
C VAL A 2 11.79 -19.58 -3.39
N GLY A 3 12.10 -20.83 -3.03
CA GLY A 3 12.53 -21.85 -4.04
C GLY A 3 13.99 -21.62 -4.40
N GLY A 4 14.45 -22.23 -5.49
CA GLY A 4 15.89 -22.11 -5.81
C GLY A 4 16.85 -22.28 -4.63
N GLN A 5 18.05 -21.72 -4.74
CA GLN A 5 19.18 -22.19 -3.94
C GLN A 5 20.25 -21.11 -3.81
N GLU A 6 21.35 -21.45 -3.17
CA GLU A 6 22.40 -20.49 -2.89
C GLU A 6 23.12 -20.24 -4.20
N ALA A 7 23.43 -18.98 -4.48
CA ALA A 7 24.08 -18.63 -5.72
C ALA A 7 25.58 -18.93 -5.63
N PRO A 8 26.17 -19.43 -6.74
CA PRO A 8 27.64 -19.59 -6.82
C PRO A 8 28.33 -18.24 -6.78
N ARG A 9 29.54 -18.19 -6.22
CA ARG A 9 30.33 -16.95 -6.14
C ARG A 9 30.55 -16.20 -7.43
N SER A 10 30.66 -16.94 -8.52
CA SER A 10 30.95 -16.35 -9.82
C SER A 10 29.73 -15.69 -10.47
N LYS A 11 28.55 -15.84 -9.87
CA LYS A 11 27.35 -15.37 -10.51
C LYS A 11 26.79 -14.08 -9.94
N TRP A 12 26.08 -13.32 -10.76
CA TRP A 12 25.39 -12.06 -10.39
C TRP A 12 26.30 -10.98 -9.80
N PRO A 13 27.36 -10.61 -10.52
CA PRO A 13 28.37 -9.69 -10.04
C PRO A 13 27.88 -8.25 -9.88
N TRP A 14 26.67 -7.99 -10.39
CA TRP A 14 25.99 -6.71 -10.25
C TRP A 14 25.06 -6.56 -9.04
N GLN A 15 24.82 -7.63 -8.29
CA GLN A 15 23.89 -7.62 -7.13
C GLN A 15 24.47 -6.72 -6.08
N VAL A 16 23.64 -5.81 -5.55
CA VAL A 16 23.96 -5.00 -4.41
C VAL A 16 22.94 -5.11 -3.25
N SER A 17 23.40 -4.75 -2.08
CA SER A 17 22.61 -4.75 -0.87
C SER A 17 22.57 -3.31 -0.40
N LEU A 18 21.37 -2.80 -0.13
CA LEU A 18 21.21 -1.53 0.49
C LEU A 18 21.04 -1.70 1.97
N ARG A 19 21.61 -0.76 2.73
CA ARG A 19 21.70 -0.88 4.15
C ARG A 19 21.23 0.40 4.84
N VAL A 20 20.48 0.21 5.91
CA VAL A 20 19.95 1.31 6.71
C VAL A 20 20.61 1.30 8.08
N HIS A 21 20.94 2.48 8.58
CA HIS A 21 21.67 2.62 9.84
C HIS A 21 20.76 2.24 10.98
N GLY A 22 21.26 1.49 11.95
CA GLY A 22 20.51 1.20 13.17
C GLY A 22 21.50 0.73 14.22
N PRO A 23 21.12 -0.28 15.03
CA PRO A 23 22.11 -1.03 15.85
C PRO A 23 23.26 -1.62 15.00
N TYR A 24 22.98 -1.88 13.72
CA TYR A 24 23.99 -2.28 12.74
C TYR A 24 23.46 -1.89 11.37
N TRP A 25 24.29 -1.97 10.34
CA TRP A 25 23.89 -1.57 8.99
C TRP A 25 23.10 -2.69 8.35
N MET A 26 21.79 -2.59 8.52
CA MET A 26 20.91 -3.64 8.15
C MET A 26 20.43 -3.60 6.65
N HIS A 27 20.47 -4.74 6.02
CA HIS A 27 19.92 -4.97 4.69
C HIS A 27 18.40 -4.77 4.66
N PHE A 28 17.93 -3.84 3.84
CA PHE A 28 16.48 -3.72 3.65
C PHE A 28 16.03 -3.89 2.21
N CYS A 29 16.90 -3.76 1.21
CA CYS A 29 16.52 -3.87 -0.19
C CYS A 29 17.74 -4.29 -1.00
N GLY A 30 17.43 -4.77 -2.21
CA GLY A 30 18.36 -5.11 -3.22
C GLY A 30 18.49 -3.98 -4.24
N GLY A 31 19.40 -4.20 -5.18
CA GLY A 31 19.72 -3.19 -6.17
C GLY A 31 20.62 -3.88 -7.17
N SER A 32 20.91 -3.19 -8.27
CA SER A 32 21.85 -3.68 -9.26
C SER A 32 22.80 -2.54 -9.62
N LEU A 33 24.05 -2.88 -9.87
CA LEU A 33 25.01 -1.93 -10.39
C LEU A 33 24.88 -1.81 -11.92
N ILE A 34 24.57 -0.65 -12.41
CA ILE A 34 24.39 -0.51 -13.84
C ILE A 34 25.42 0.41 -14.49
N HIS A 35 26.30 0.99 -13.66
CA HIS A 35 27.39 1.81 -14.09
C HIS A 35 28.24 2.00 -12.84
N PRO A 36 29.51 2.35 -12.99
CA PRO A 36 30.33 2.27 -11.79
C PRO A 36 29.97 3.28 -10.72
N GLN A 37 29.13 4.23 -11.07
CA GLN A 37 28.77 5.23 -10.13
C GLN A 37 27.26 5.16 -9.84
N TRP A 38 26.56 4.19 -10.42
CA TRP A 38 25.08 4.14 -10.33
C TRP A 38 24.49 2.78 -10.08
N VAL A 39 23.53 2.82 -9.15
CA VAL A 39 22.82 1.65 -8.72
C VAL A 39 21.35 1.89 -9.00
N LEU A 40 20.70 0.86 -9.48
CA LEU A 40 19.31 0.90 -9.86
C LEU A 40 18.58 0.07 -8.81
N THR A 41 17.52 0.62 -8.23
CA THR A 41 16.73 -0.08 -7.28
C THR A 41 15.23 0.26 -7.48
N ALA A 42 14.39 -0.19 -6.56
CA ALA A 42 12.97 0.18 -6.51
C ALA A 42 12.77 1.43 -5.67
N ALA A 43 11.84 2.28 -6.10
CA ALA A 43 11.52 3.52 -5.42
C ALA A 43 10.91 3.29 -4.05
N HIS A 44 10.23 2.20 -3.83
CA HIS A 44 9.53 2.05 -2.55
C HIS A 44 10.51 1.71 -1.44
N CYS A 45 11.73 1.33 -1.82
CA CYS A 45 12.84 1.13 -0.87
C CYS A 45 13.31 2.42 -0.27
N VAL A 46 13.21 3.51 -1.00
CA VAL A 46 13.82 4.76 -0.57
C VAL A 46 12.86 5.91 -0.62
N GLY A 47 11.61 5.66 -1.03
CA GLY A 47 10.63 6.75 -1.17
C GLY A 47 9.23 6.30 -0.82
N PRO A 48 8.22 7.12 -1.04
CA PRO A 48 8.24 8.44 -1.69
C PRO A 48 8.71 9.59 -0.82
N ASP A 49 8.79 9.40 0.47
CA ASP A 49 9.28 10.50 1.32
C ASP A 49 10.81 10.61 1.33
N VAL A 50 11.32 11.82 1.34
CA VAL A 50 12.75 12.05 1.37
C VAL A 50 13.35 11.55 2.72
N LYS A 51 14.33 10.66 2.66
CA LYS A 51 15.08 10.22 3.81
C LYS A 51 16.51 10.83 3.90
N ASP A 52 17.16 10.64 5.03
CA ASP A 52 18.49 11.19 5.25
C ASP A 52 19.49 10.28 4.53
N LEU A 53 20.22 10.88 3.60
CA LEU A 53 21.30 10.25 2.85
C LEU A 53 22.37 9.55 3.71
N ALA A 54 22.71 10.15 4.83
CA ALA A 54 23.79 9.66 5.68
C ALA A 54 23.43 8.31 6.30
N ALA A 55 22.13 8.01 6.38
CA ALA A 55 21.62 6.80 6.95
C ALA A 55 21.51 5.66 5.94
N LEU A 56 22.00 5.84 4.73
CA LEU A 56 21.92 4.80 3.71
C LEU A 56 23.31 4.43 3.19
N ARG A 57 23.60 3.15 3.12
CA ARG A 57 24.80 2.74 2.40
C ARG A 57 24.52 1.60 1.47
N VAL A 58 25.47 1.39 0.60
CA VAL A 58 25.42 0.33 -0.36
C VAL A 58 26.59 -0.62 -0.09
N GLN A 59 26.35 -1.89 -0.34
CA GLN A 59 27.34 -2.95 -0.24
C GLN A 59 27.28 -3.69 -1.58
N LEU A 60 28.42 -3.73 -2.25
CA LEU A 60 28.55 -4.43 -3.54
C LEU A 60 28.50 -5.95 -3.31
N ARG A 61 28.52 -6.76 -4.36
CA ARG A 61 28.36 -8.22 -4.22
C ARG A 61 29.13 -8.88 -3.04
N GLU A 62 28.41 -9.60 -2.19
CA GLU A 62 28.95 -10.43 -1.07
C GLU A 62 28.28 -11.77 -1.20
N GLN A 63 29.01 -12.84 -0.93
CA GLN A 63 28.37 -14.14 -0.90
C GLN A 63 27.47 -14.25 0.33
N HIS A 64 27.88 -13.63 1.43
CA HIS A 64 27.20 -13.67 2.74
C HIS A 64 27.01 -12.32 3.36
N LEU A 65 25.77 -11.97 3.71
CA LEU A 65 25.55 -10.61 4.25
C LEU A 65 26.33 -10.44 5.55
N TYR A 66 26.93 -9.28 5.70
CA TYR A 66 27.47 -8.77 6.94
C TYR A 66 28.86 -9.22 7.23
N TYR A 67 29.28 -10.33 6.66
CA TYR A 67 30.51 -10.94 7.12
C TYR A 67 31.76 -10.16 6.75
N GLN A 68 31.86 -9.70 5.50
CA GLN A 68 32.95 -8.76 5.15
C GLN A 68 32.47 -7.53 4.48
N ASP A 69 31.68 -6.77 5.21
CA ASP A 69 31.14 -5.54 4.74
C ASP A 69 32.21 -4.47 4.50
N GLN A 70 32.08 -3.75 3.39
CA GLN A 70 32.78 -2.52 3.13
C GLN A 70 31.74 -1.58 2.50
N LEU A 71 31.14 -0.76 3.32
CA LEU A 71 29.97 -0.03 2.91
C LEU A 71 30.33 1.23 2.15
N LEU A 72 29.48 1.63 1.23
CA LEU A 72 29.74 2.72 0.34
C LEU A 72 28.67 3.76 0.51
N PRO A 73 29.12 4.97 0.80
CA PRO A 73 28.22 6.08 0.94
C PRO A 73 27.60 6.53 -0.41
N VAL A 74 26.47 7.21 -0.29
CA VAL A 74 25.64 7.55 -1.41
C VAL A 74 25.54 9.06 -1.50
N SER A 75 25.76 9.66 -2.65
CA SER A 75 25.69 11.14 -2.73
C SER A 75 24.30 11.67 -3.15
N ARG A 76 23.53 10.91 -3.94
CA ARG A 76 22.17 11.31 -4.39
C ARG A 76 21.20 10.13 -4.50
N ILE A 77 19.95 10.41 -4.20
CA ILE A 77 18.87 9.46 -4.45
C ILE A 77 17.97 10.17 -5.43
N ILE A 78 17.78 9.53 -6.57
CA ILE A 78 16.85 10.00 -7.55
C ILE A 78 15.71 8.99 -7.75
N VAL A 79 14.51 9.45 -7.45
CA VAL A 79 13.32 8.60 -7.51
C VAL A 79 12.43 9.04 -8.68
N HIS A 80 11.82 8.10 -9.33
CA HIS A 80 11.02 8.48 -10.47
C HIS A 80 9.92 9.43 -10.01
N PRO A 81 9.82 10.58 -10.66
CA PRO A 81 8.84 11.57 -10.11
C PRO A 81 7.34 11.12 -10.13
N GLN A 82 6.99 10.13 -10.90
CA GLN A 82 5.63 9.64 -10.89
C GLN A 82 5.37 8.64 -9.81
N PHE A 83 6.43 8.32 -9.04
CA PHE A 83 6.26 7.35 -8.06
C PHE A 83 5.52 7.79 -6.84
N TYR A 84 4.54 6.96 -6.45
CA TYR A 84 3.91 7.12 -5.16
C TYR A 84 3.73 5.82 -4.42
N THR A 85 3.18 4.78 -5.06
CA THR A 85 3.19 3.42 -4.45
C THR A 85 3.49 2.43 -5.54
N ALA A 86 3.84 1.21 -5.13
CA ALA A 86 4.25 0.22 -6.08
C ALA A 86 3.11 -0.23 -6.95
N GLN A 87 1.90 -0.23 -6.41
CA GLN A 87 0.71 -0.65 -7.17
C GLN A 87 0.32 0.40 -8.21
N ILE A 88 0.58 1.68 -7.96
CA ILE A 88 0.30 2.63 -9.01
C ILE A 88 1.36 2.46 -10.11
N GLY A 89 2.60 2.25 -9.70
CA GLY A 89 3.67 2.01 -10.66
C GLY A 89 4.78 3.05 -10.56
N ALA A 90 5.71 2.98 -11.50
CA ALA A 90 6.91 3.82 -11.57
C ALA A 90 7.82 3.52 -10.43
N ASP A 91 7.88 2.22 -10.07
CA ASP A 91 8.58 1.82 -8.86
C ASP A 91 10.06 1.64 -9.23
N ILE A 92 10.76 2.75 -9.36
CA ILE A 92 12.13 2.75 -9.88
C ILE A 92 12.86 3.97 -9.34
N ALA A 93 14.10 3.70 -8.95
CA ALA A 93 14.98 4.73 -8.39
C ALA A 93 16.47 4.41 -8.69
N LEU A 94 17.28 5.46 -8.58
CA LEU A 94 18.70 5.42 -8.86
C LEU A 94 19.40 6.00 -7.68
N LEU A 95 20.52 5.38 -7.33
CA LEU A 95 21.43 5.87 -6.35
C LEU A 95 22.76 6.12 -7.01
N GLU A 96 23.27 7.32 -6.83
CA GLU A 96 24.58 7.68 -7.30
C GLU A 96 25.59 7.55 -6.16
N LEU A 97 26.67 6.81 -6.38
CA LEU A 97 27.66 6.63 -5.33
C LEU A 97 28.53 7.89 -5.27
N GLU A 98 29.16 8.11 -4.13
CA GLU A 98 30.09 9.19 -3.94
C GLU A 98 31.37 8.99 -4.70
N GLU A 99 31.76 7.74 -4.95
CA GLU A 99 32.94 7.42 -5.78
C GLU A 99 32.55 6.37 -6.77
N PRO A 100 33.23 6.32 -7.92
CA PRO A 100 32.93 5.16 -8.81
C PRO A 100 33.61 3.88 -8.29
N VAL A 101 33.07 2.71 -8.58
CA VAL A 101 33.74 1.54 -8.08
C VAL A 101 34.57 0.98 -9.20
N LYS A 102 35.41 0.05 -8.83
CA LYS A 102 36.35 -0.57 -9.71
C LYS A 102 35.70 -1.84 -10.10
N VAL A 103 35.52 -2.06 -11.41
CA VAL A 103 34.92 -3.26 -11.88
C VAL A 103 35.94 -4.37 -12.01
N SER A 104 35.47 -5.60 -12.07
CA SER A 104 36.31 -6.79 -12.08
C SER A 104 35.37 -7.92 -12.41
N SER A 105 35.91 -9.11 -12.48
CA SER A 105 35.10 -10.29 -12.80
C SER A 105 34.05 -10.58 -11.69
N HIS A 106 34.40 -10.36 -10.44
CA HIS A 106 33.45 -10.56 -9.37
C HIS A 106 32.55 -9.35 -9.13
N VAL A 107 32.92 -8.16 -9.54
CA VAL A 107 32.01 -7.07 -9.40
C VAL A 107 31.96 -6.26 -10.69
N HIS A 108 30.82 -6.30 -11.35
CA HIS A 108 30.65 -5.43 -12.50
C HIS A 108 29.17 -5.19 -12.80
N THR A 109 28.95 -4.34 -13.79
CA THR A 109 27.62 -3.81 -14.03
C THR A 109 26.82 -4.79 -14.85
N VAL A 110 25.50 -4.68 -14.77
CA VAL A 110 24.59 -5.45 -15.61
C VAL A 110 24.20 -4.56 -16.77
N THR A 111 23.90 -5.20 -17.89
CA THR A 111 23.50 -4.47 -19.07
C THR A 111 22.00 -4.28 -19.07
N LEU A 112 21.59 -3.06 -19.41
CA LEU A 112 20.18 -2.75 -19.64
C LEU A 112 19.73 -3.21 -21.02
N PRO A 113 18.46 -3.59 -21.16
CA PRO A 113 17.96 -4.02 -22.46
C PRO A 113 17.76 -2.87 -23.42
N PRO A 114 17.82 -3.15 -24.73
CA PRO A 114 17.39 -2.14 -25.71
C PRO A 114 15.89 -1.97 -25.59
N ALA A 115 15.36 -0.81 -25.94
CA ALA A 115 13.89 -0.57 -25.77
C ALA A 115 12.96 -1.57 -26.47
N SER A 116 13.43 -2.20 -27.52
CA SER A 116 12.59 -3.14 -28.23
C SER A 116 12.36 -4.49 -27.52
N GLU A 117 13.01 -4.78 -26.38
CA GLU A 117 12.87 -6.15 -25.83
C GLU A 117 11.66 -6.30 -24.89
N THR A 118 10.81 -7.29 -25.19
CA THR A 118 9.55 -7.49 -24.48
C THR A 118 9.60 -8.62 -23.46
N PHE A 119 10.65 -9.45 -23.55
CA PHE A 119 10.79 -10.57 -22.63
C PHE A 119 9.57 -11.49 -22.54
N PRO A 120 9.36 -12.30 -23.57
CA PRO A 120 8.13 -13.10 -23.64
C PRO A 120 8.23 -14.36 -22.80
N PRO A 121 7.09 -15.03 -22.54
CA PRO A 121 7.12 -16.25 -21.70
C PRO A 121 8.10 -17.24 -22.25
N GLY A 122 8.75 -17.99 -21.38
CA GLY A 122 9.76 -18.96 -21.78
C GLY A 122 11.12 -18.36 -22.12
N MET A 123 11.29 -17.06 -21.89
CA MET A 123 12.64 -16.53 -21.75
C MET A 123 13.20 -17.08 -20.42
N PRO A 124 14.48 -17.50 -20.39
CA PRO A 124 15.08 -17.91 -19.11
C PRO A 124 15.52 -16.72 -18.23
N CYS A 125 14.87 -16.54 -17.08
CA CYS A 125 15.06 -15.37 -16.22
C CYS A 125 15.34 -15.78 -14.81
N TRP A 126 16.24 -15.05 -14.15
CA TRP A 126 16.57 -15.38 -12.77
C TRP A 126 16.35 -14.13 -11.96
N VAL A 127 16.01 -14.34 -10.71
CA VAL A 127 15.94 -13.26 -9.76
C VAL A 127 16.78 -13.65 -8.56
N THR A 128 17.36 -12.64 -7.92
CA THR A 128 18.33 -12.90 -6.85
C THR A 128 18.16 -11.96 -5.66
N GLY A 129 18.53 -12.44 -4.49
CA GLY A 129 18.70 -11.57 -3.35
C GLY A 129 18.78 -12.28 -2.04
N TRP A 130 18.74 -11.46 -1.00
CA TRP A 130 18.84 -11.87 0.39
C TRP A 130 17.50 -11.71 1.12
N GLY A 131 16.40 -11.76 0.43
CA GLY A 131 15.11 -11.62 1.12
C GLY A 131 14.61 -12.91 1.75
N ASP A 132 13.39 -12.84 2.24
CA ASP A 132 12.73 -13.95 2.93
C ASP A 132 12.63 -15.17 2.06
N VAL A 133 12.61 -16.34 2.69
CA VAL A 133 12.56 -17.61 1.96
C VAL A 133 11.15 -18.20 1.88
N ASP A 134 10.21 -17.53 2.53
CA ASP A 134 8.78 -17.83 2.40
C ASP A 134 8.02 -16.71 3.12
N ASN A 135 6.69 -16.68 3.07
CA ASN A 135 5.94 -15.60 3.77
C ASN A 135 6.27 -15.65 5.26
N ASP A 136 6.73 -14.53 5.80
CA ASP A 136 7.07 -14.40 7.23
C ASP A 136 8.38 -15.06 7.65
N GLU A 137 9.09 -15.76 6.78
CA GLU A 137 10.32 -16.41 7.22
C GLU A 137 11.53 -15.68 6.72
N ARG A 138 12.30 -15.15 7.67
CA ARG A 138 13.58 -14.55 7.42
C ARG A 138 14.59 -15.53 6.81
N LEU A 139 15.46 -15.02 5.94
CA LEU A 139 16.66 -15.75 5.53
C LEU A 139 17.52 -15.97 6.80
N PRO A 140 17.82 -17.22 7.12
CA PRO A 140 18.71 -17.58 8.21
C PRO A 140 20.17 -17.14 8.06
N PRO A 141 20.83 -16.84 9.17
CA PRO A 141 22.28 -16.76 9.10
C PRO A 141 22.78 -18.03 8.50
N PRO A 142 23.92 -18.00 7.81
CA PRO A 142 24.82 -16.89 7.46
C PRO A 142 24.40 -15.94 6.28
N PHE A 143 23.14 -16.00 5.83
CA PHE A 143 22.58 -15.00 4.85
C PHE A 143 23.20 -15.12 3.47
N PRO A 144 23.14 -16.30 2.91
CA PRO A 144 23.70 -16.44 1.57
C PRO A 144 22.81 -15.76 0.55
N LEU A 145 23.43 -15.15 -0.45
CA LEU A 145 22.70 -14.70 -1.63
C LEU A 145 22.01 -15.89 -2.32
N LYS A 146 20.71 -15.77 -2.52
CA LYS A 146 19.94 -16.80 -3.20
C LYS A 146 19.53 -16.36 -4.62
N GLN A 147 19.24 -17.34 -5.45
CA GLN A 147 18.84 -17.11 -6.83
C GLN A 147 17.73 -18.10 -7.11
N VAL A 148 16.81 -17.76 -8.01
CA VAL A 148 15.79 -18.70 -8.46
C VAL A 148 15.34 -18.41 -9.89
N LYS A 149 15.25 -19.45 -10.66
CA LYS A 149 14.75 -19.32 -12.00
C LYS A 149 13.21 -19.14 -11.98
N VAL A 150 12.72 -18.10 -12.64
CA VAL A 150 11.27 -17.82 -12.61
C VAL A 150 10.72 -17.73 -14.01
N PRO A 151 9.57 -18.36 -14.23
CA PRO A 151 8.90 -18.25 -15.53
C PRO A 151 8.21 -16.89 -15.70
N ILE A 152 8.54 -16.18 -16.76
CA ILE A 152 7.81 -15.03 -17.17
C ILE A 152 6.42 -15.42 -17.63
N MET A 153 5.45 -14.60 -17.27
CA MET A 153 4.12 -14.71 -17.77
C MET A 153 3.72 -13.38 -18.42
N GLU A 154 3.08 -13.47 -19.57
CA GLU A 154 2.53 -12.33 -20.29
C GLU A 154 1.64 -11.46 -19.40
N ASN A 155 1.65 -10.15 -19.67
CA ASN A 155 0.94 -9.20 -18.82
C ASN A 155 -0.56 -9.40 -18.77
N HIS A 156 -1.23 -9.68 -19.90
CA HIS A 156 -2.69 -9.88 -19.84
C HIS A 156 -3.05 -11.18 -19.06
N ILE A 157 -2.20 -12.19 -19.07
CA ILE A 157 -2.52 -13.42 -18.33
C ILE A 157 -2.37 -13.13 -16.84
N CYS A 158 -1.31 -12.46 -16.49
CA CYS A 158 -1.07 -12.13 -15.09
C CYS A 158 -2.17 -11.16 -14.56
N ASP A 159 -2.61 -10.18 -15.33
CA ASP A 159 -3.68 -9.26 -14.88
C ASP A 159 -4.93 -10.05 -14.59
N ALA A 160 -5.27 -10.97 -15.50
CA ALA A 160 -6.47 -11.79 -15.27
C ALA A 160 -6.34 -12.67 -14.00
N LYS A 161 -5.17 -13.27 -13.80
CA LYS A 161 -4.98 -14.03 -12.53
C LYS A 161 -5.21 -13.18 -11.28
N TYR A 162 -4.75 -11.93 -11.31
CA TYR A 162 -4.86 -11.06 -10.15
C TYR A 162 -6.32 -10.69 -9.89
N HIS A 163 -7.17 -10.94 -10.87
CA HIS A 163 -8.61 -10.69 -10.74
C HIS A 163 -9.36 -11.90 -10.18
N LEU A 164 -8.77 -13.08 -10.25
CA LEU A 164 -9.40 -14.28 -9.68
C LEU A 164 -9.39 -14.20 -8.15
N GLY A 165 -10.55 -14.38 -7.53
CA GLY A 165 -10.67 -14.25 -6.09
C GLY A 165 -10.65 -12.80 -5.64
N ALA A 166 -10.95 -11.88 -6.55
CA ALA A 166 -10.95 -10.46 -6.20
C ALA A 166 -12.29 -9.85 -6.48
N TYR A 167 -12.60 -8.74 -5.84
CA TYR A 167 -13.78 -7.97 -6.16
C TYR A 167 -13.50 -7.02 -7.31
N THR A 168 -12.24 -6.78 -7.66
CA THR A 168 -11.92 -5.72 -8.56
C THR A 168 -12.52 -6.08 -9.91
N GLY A 169 -13.20 -5.14 -10.55
CA GLY A 169 -13.70 -5.32 -11.92
C GLY A 169 -12.66 -5.80 -12.92
N ASP A 170 -13.09 -6.71 -13.79
CA ASP A 170 -12.25 -7.32 -14.84
C ASP A 170 -11.59 -6.33 -15.78
N ASP A 171 -12.24 -5.21 -16.06
CA ASP A 171 -11.69 -4.17 -16.92
C ASP A 171 -10.94 -3.14 -16.10
N VAL A 172 -10.78 -3.34 -14.82
CA VAL A 172 -9.92 -2.44 -14.08
C VAL A 172 -8.55 -3.11 -13.98
N ARG A 173 -7.56 -2.49 -14.62
CA ARG A 173 -6.27 -3.11 -14.71
C ARG A 173 -5.47 -3.05 -13.43
N ILE A 174 -5.05 -4.19 -12.91
CA ILE A 174 -4.21 -4.26 -11.77
C ILE A 174 -2.74 -4.26 -12.16
N VAL A 175 -2.38 -5.12 -13.09
CA VAL A 175 -1.03 -5.16 -13.58
C VAL A 175 -0.83 -4.20 -14.75
N ARG A 176 0.06 -3.23 -14.61
CA ARG A 176 0.08 -2.14 -15.61
C ARG A 176 1.14 -2.41 -16.66
N ASP A 177 1.17 -1.54 -17.67
CA ASP A 177 2.06 -1.73 -18.82
C ASP A 177 3.54 -1.44 -18.50
N ASP A 178 3.78 -0.69 -17.44
CA ASP A 178 5.12 -0.51 -16.91
C ASP A 178 5.50 -1.64 -15.97
N MET A 179 4.73 -2.73 -15.95
CA MET A 179 5.05 -3.86 -15.08
C MET A 179 5.28 -5.19 -15.85
N LEU A 180 5.91 -6.11 -15.17
CA LEU A 180 6.26 -7.37 -15.72
C LEU A 180 5.97 -8.40 -14.66
N CYS A 181 5.45 -9.58 -15.04
CA CYS A 181 5.09 -10.60 -14.07
C CYS A 181 5.90 -11.84 -14.25
N ALA A 182 6.29 -12.44 -13.14
CA ALA A 182 7.06 -13.65 -13.15
C ALA A 182 6.97 -14.37 -11.79
N GLY A 183 7.10 -15.68 -11.89
CA GLY A 183 7.11 -16.56 -10.75
C GLY A 183 5.92 -17.47 -10.67
N ASN A 184 5.97 -18.46 -9.79
CA ASN A 184 4.81 -19.35 -9.52
C ASN A 184 4.79 -19.70 -8.03
N THR A 185 4.04 -20.71 -7.64
CA THR A 185 3.89 -21.07 -6.21
C THR A 185 5.14 -21.77 -5.62
N ARG A 186 6.10 -22.12 -6.45
CA ARG A 186 7.34 -22.74 -6.00
C ARG A 186 8.53 -21.76 -6.09
N ARG A 187 8.40 -20.68 -6.87
CA ARG A 187 9.56 -19.85 -7.30
C ARG A 187 9.18 -18.38 -7.43
N ASP A 188 9.65 -17.55 -6.51
CA ASP A 188 9.21 -16.15 -6.43
C ASP A 188 10.30 -15.40 -5.67
N SER A 189 10.29 -14.09 -5.83
CA SER A 189 11.00 -13.19 -4.97
C SER A 189 10.09 -12.88 -3.79
N CYS A 190 10.67 -12.25 -2.78
CA CYS A 190 9.97 -12.01 -1.55
C CYS A 190 10.46 -10.72 -0.90
N GLN A 191 9.91 -10.41 0.26
CA GLN A 191 10.26 -9.23 1.02
C GLN A 191 11.75 -9.22 1.34
N GLY A 192 12.44 -8.14 1.08
CA GLY A 192 13.90 -8.11 1.27
C GLY A 192 14.58 -8.29 -0.07
N ASP A 193 13.85 -8.78 -1.06
CA ASP A 193 14.37 -8.91 -2.44
C ASP A 193 14.05 -7.72 -3.33
N SER A 194 13.16 -6.86 -2.86
CA SER A 194 12.76 -5.63 -3.53
C SER A 194 13.89 -4.79 -3.96
N GLY A 195 13.78 -4.25 -5.15
CA GLY A 195 14.82 -3.42 -5.68
C GLY A 195 15.85 -4.26 -6.40
N GLY A 196 15.87 -5.55 -6.18
CA GLY A 196 16.79 -6.38 -6.95
C GLY A 196 16.39 -6.67 -8.40
N PRO A 197 17.31 -7.30 -9.14
CA PRO A 197 17.19 -7.47 -10.55
C PRO A 197 16.62 -8.81 -10.96
N LEU A 198 15.67 -8.73 -11.88
CA LEU A 198 15.26 -9.88 -12.69
C LEU A 198 16.13 -9.76 -13.95
N VAL A 199 16.94 -10.77 -14.22
CA VAL A 199 17.80 -10.82 -15.39
C VAL A 199 17.51 -12.04 -16.30
N CYS A 200 17.65 -11.86 -17.58
CA CYS A 200 17.34 -12.89 -18.57
C CYS A 200 18.51 -12.93 -19.53
N LYS A 201 18.88 -14.13 -19.92
CA LYS A 201 19.94 -14.34 -20.90
C LYS A 201 19.31 -14.18 -22.29
N VAL A 202 19.90 -13.34 -23.11
CA VAL A 202 19.45 -13.06 -24.49
C VAL A 202 20.70 -12.88 -25.34
N ASN A 203 20.86 -13.72 -26.36
CA ASN A 203 22.09 -13.81 -27.16
C ASN A 203 23.35 -13.97 -26.34
N GLY A 204 23.30 -14.86 -25.35
CA GLY A 204 24.44 -15.05 -24.45
C GLY A 204 24.81 -13.85 -23.58
N THR A 205 23.99 -12.79 -23.54
CA THR A 205 24.25 -11.62 -22.67
C THR A 205 23.17 -11.51 -21.61
N TRP A 206 23.57 -11.18 -20.40
CA TRP A 206 22.58 -10.96 -19.34
C TRP A 206 21.98 -9.55 -19.44
N LEU A 207 20.66 -9.48 -19.43
CA LEU A 207 19.96 -8.21 -19.48
C LEU A 207 19.05 -8.08 -18.28
N GLN A 208 19.06 -6.91 -17.65
CA GLN A 208 18.09 -6.70 -16.61
C GLN A 208 16.73 -6.29 -17.21
N ALA A 209 15.81 -7.26 -17.17
CA ALA A 209 14.42 -7.09 -17.52
C ALA A 209 13.61 -6.32 -16.48
N GLY A 210 13.87 -6.57 -15.20
CA GLY A 210 12.96 -6.12 -14.16
C GLY A 210 13.63 -5.70 -12.87
N VAL A 211 12.86 -5.02 -12.05
CA VAL A 211 13.24 -4.66 -10.69
C VAL A 211 12.14 -5.21 -9.82
N VAL A 212 12.50 -5.97 -8.76
CA VAL A 212 11.55 -6.62 -7.86
C VAL A 212 10.74 -5.52 -7.19
N SER A 213 9.41 -5.53 -7.35
CA SER A 213 8.60 -4.42 -6.92
C SER A 213 7.53 -4.83 -5.89
N TRP A 214 6.60 -5.72 -6.24
CA TRP A 214 5.51 -6.09 -5.33
C TRP A 214 4.83 -7.39 -5.75
N GLY A 215 3.80 -7.78 -5.02
CA GLY A 215 3.03 -8.99 -5.35
C GLY A 215 2.05 -9.15 -4.21
N GLU A 216 1.12 -10.09 -4.34
CA GLU A 216 0.26 -10.44 -3.22
C GLU A 216 0.86 -11.60 -2.51
N GLY A 217 1.47 -11.32 -1.37
CA GLY A 217 2.32 -12.33 -0.71
C GLY A 217 3.46 -12.78 -1.61
N CYS A 218 4.01 -13.95 -1.29
CA CYS A 218 5.09 -14.59 -2.03
C CYS A 218 4.66 -16.01 -2.40
N ALA A 219 4.80 -16.38 -3.66
CA ALA A 219 4.46 -17.69 -4.13
C ALA A 219 3.04 -18.17 -3.77
N GLN A 220 2.08 -17.26 -3.61
CA GLN A 220 0.64 -17.58 -3.43
C GLN A 220 -0.08 -17.96 -4.73
N PRO A 221 -1.10 -18.85 -4.64
CA PRO A 221 -1.79 -19.23 -5.89
C PRO A 221 -2.41 -18.03 -6.61
N ASN A 222 -2.26 -18.01 -7.94
CA ASN A 222 -2.72 -16.91 -8.78
C ASN A 222 -2.16 -15.52 -8.50
N ARG A 223 -1.03 -15.44 -7.82
CA ARG A 223 -0.42 -14.15 -7.55
C ARG A 223 1.08 -14.13 -7.87
N PRO A 224 1.44 -14.24 -9.16
CA PRO A 224 2.86 -14.07 -9.52
C PRO A 224 3.46 -12.74 -9.09
N GLY A 225 4.77 -12.72 -9.07
CA GLY A 225 5.48 -11.52 -8.68
C GLY A 225 5.40 -10.45 -9.75
N ILE A 226 5.39 -9.22 -9.28
CA ILE A 226 5.38 -8.08 -10.17
C ILE A 226 6.64 -7.25 -10.05
N TYR A 227 7.19 -6.99 -11.22
CA TYR A 227 8.42 -6.30 -11.37
C TYR A 227 8.15 -5.08 -12.23
N THR A 228 8.90 -4.03 -11.92
CA THR A 228 8.99 -2.90 -12.78
C THR A 228 9.77 -3.27 -14.02
N ARG A 229 9.21 -2.84 -15.16
CA ARG A 229 9.68 -3.22 -16.47
C ARG A 229 10.71 -2.17 -16.90
N VAL A 230 11.98 -2.55 -16.99
CA VAL A 230 12.99 -1.59 -17.21
C VAL A 230 12.89 -0.96 -18.61
N THR A 231 12.48 -1.70 -19.63
CA THR A 231 12.42 -1.08 -20.93
C THR A 231 11.61 0.19 -20.87
N TYR A 232 10.58 0.19 -20.04
CA TYR A 232 9.69 1.31 -20.02
C TYR A 232 10.35 2.58 -19.48
N TYR A 233 11.44 2.45 -18.74
CA TYR A 233 12.03 3.55 -18.02
C TYR A 233 13.46 3.94 -18.50
N LEU A 234 13.90 3.37 -19.61
CA LEU A 234 15.24 3.67 -20.16
C LEU A 234 15.49 5.16 -20.37
N ASP A 235 14.53 5.88 -20.92
CA ASP A 235 14.74 7.33 -21.13
C ASP A 235 14.97 8.04 -19.85
N TRP A 236 14.16 7.74 -18.86
CA TRP A 236 14.36 8.38 -17.58
C TRP A 236 15.78 8.08 -17.03
N ILE A 237 16.17 6.82 -17.11
CA ILE A 237 17.44 6.34 -16.61
C ILE A 237 18.59 7.00 -17.34
N HIS A 238 18.46 7.15 -18.65
CA HIS A 238 19.50 7.80 -19.43
C HIS A 238 19.52 9.31 -19.27
N HIS A 239 18.54 9.91 -18.63
CA HIS A 239 18.71 11.27 -18.27
C HIS A 239 19.80 11.42 -17.20
N TYR A 240 20.11 10.35 -16.45
CA TYR A 240 21.06 10.44 -15.35
C TYR A 240 22.30 9.59 -15.54
N VAL A 241 22.18 8.50 -16.28
CA VAL A 241 23.24 7.54 -16.29
C VAL A 241 23.79 7.49 -17.69
N PRO A 242 25.03 7.88 -17.83
CA PRO A 242 25.77 7.76 -19.11
C PRO A 242 25.71 6.40 -19.79
N LYS A 243 25.83 6.36 -21.11
CA LYS A 243 26.21 5.15 -21.85
C LYS A 243 27.76 4.99 -22.04
N ILE B 1 -8.45 6.89 16.99
CA ILE B 1 -8.60 8.37 16.91
C ILE B 1 -7.45 9.01 17.64
N VAL B 2 -6.79 9.97 17.02
CA VAL B 2 -5.65 10.61 17.66
C VAL B 2 -6.12 11.97 18.10
N GLY B 3 -5.77 12.30 19.34
CA GLY B 3 -5.99 13.62 19.91
C GLY B 3 -7.43 13.91 20.28
N GLY B 4 -8.24 12.87 20.43
CA GLY B 4 -9.64 13.11 20.68
C GLY B 4 -10.02 12.80 22.12
N GLN B 5 -11.30 12.50 22.32
CA GLN B 5 -11.77 11.99 23.60
C GLN B 5 -12.99 11.10 23.48
N GLU B 6 -13.38 10.53 24.60
CA GLU B 6 -14.47 9.53 24.67
C GLU B 6 -15.73 10.24 24.30
N ALA B 7 -16.56 9.63 23.49
CA ALA B 7 -17.81 10.25 23.08
C ALA B 7 -18.87 10.13 24.17
N PRO B 8 -19.78 11.12 24.27
CA PRO B 8 -21.00 10.91 25.04
C PRO B 8 -21.84 9.78 24.47
N ARG B 9 -22.58 9.08 25.33
CA ARG B 9 -23.44 7.95 24.88
C ARG B 9 -24.56 8.35 23.90
N SER B 10 -25.03 9.60 23.96
CA SER B 10 -26.09 10.06 23.04
C SER B 10 -25.62 10.30 21.59
N LYS B 11 -24.31 10.44 21.38
CA LYS B 11 -23.76 10.89 20.12
C LYS B 11 -23.36 9.77 19.18
N TRP B 12 -23.36 10.06 17.88
CA TRP B 12 -22.90 9.11 16.87
C TRP B 12 -23.74 7.81 16.87
N PRO B 13 -25.06 7.94 16.86
CA PRO B 13 -25.90 6.74 16.96
C PRO B 13 -25.79 5.79 15.74
N TRP B 14 -25.09 6.23 14.70
CA TRP B 14 -24.92 5.46 13.45
C TRP B 14 -23.61 4.66 13.38
N GLN B 15 -22.77 4.81 14.39
CA GLN B 15 -21.42 4.23 14.34
C GLN B 15 -21.52 2.72 14.47
N VAL B 16 -20.75 1.98 13.68
CA VAL B 16 -20.73 0.55 13.80
C VAL B 16 -19.32 -0.01 13.80
N SER B 17 -19.20 -1.22 14.34
CA SER B 17 -17.95 -1.87 14.45
C SER B 17 -18.04 -3.19 13.70
N LEU B 18 -17.13 -3.42 12.77
CA LEU B 18 -17.05 -4.67 12.05
C LEU B 18 -16.11 -5.59 12.76
N ARG B 19 -16.49 -6.85 12.80
CA ARG B 19 -15.78 -7.84 13.58
C ARG B 19 -15.46 -9.03 12.73
N VAL B 20 -14.25 -9.55 12.92
CA VAL B 20 -13.75 -10.73 12.21
C VAL B 20 -13.65 -11.88 13.20
N HIS B 21 -14.05 -13.08 12.79
CA HIS B 21 -13.99 -14.25 13.67
C HIS B 21 -12.54 -14.77 13.91
N GLY B 22 -12.15 -14.90 15.17
CA GLY B 22 -10.95 -15.66 15.57
C GLY B 22 -11.15 -16.21 16.98
N PRO B 23 -10.14 -16.10 17.86
CA PRO B 23 -10.40 -16.41 19.29
C PRO B 23 -11.50 -15.53 19.93
N TYR B 24 -11.79 -14.37 19.32
CA TYR B 24 -12.98 -13.61 19.65
C TYR B 24 -13.39 -12.83 18.42
N TRP B 25 -14.55 -12.19 18.46
CA TRP B 25 -15.02 -11.35 17.36
C TRP B 25 -14.39 -10.01 17.50
N MET B 26 -13.26 -9.87 16.85
CA MET B 26 -12.38 -8.74 17.01
C MET B 26 -12.74 -7.58 16.05
N HIS B 27 -12.68 -6.38 16.55
CA HIS B 27 -12.93 -5.19 15.79
C HIS B 27 -11.78 -4.98 14.87
N PHE B 28 -12.04 -4.75 13.60
CA PHE B 28 -10.99 -4.38 12.69
C PHE B 28 -11.22 -3.06 11.96
N CYS B 29 -12.49 -2.63 11.85
CA CYS B 29 -12.92 -1.49 11.01
C CYS B 29 -14.21 -0.90 11.57
N GLY B 30 -14.47 0.35 11.20
CA GLY B 30 -15.67 1.04 11.59
C GLY B 30 -16.55 1.03 10.37
N GLY B 31 -17.73 1.61 10.51
CA GLY B 31 -18.68 1.73 9.41
C GLY B 31 -19.75 2.71 9.85
N SER B 32 -20.71 2.97 8.98
CA SER B 32 -21.85 3.85 9.36
C SER B 32 -23.10 3.23 8.86
N LEU B 33 -24.13 3.31 9.68
CA LEU B 33 -25.42 2.76 9.33
C LEU B 33 -26.13 3.84 8.53
N ILE B 34 -26.33 3.62 7.24
CA ILE B 34 -26.92 4.67 6.34
C ILE B 34 -28.38 4.39 5.96
N HIS B 35 -28.84 3.19 6.28
CA HIS B 35 -30.19 2.77 6.03
C HIS B 35 -30.40 1.59 6.97
N PRO B 36 -31.65 1.28 7.35
CA PRO B 36 -31.86 0.19 8.33
C PRO B 36 -31.20 -1.12 8.04
N GLN B 37 -30.94 -1.40 6.78
CA GLN B 37 -30.36 -2.68 6.45
C GLN B 37 -28.95 -2.54 5.86
N TRP B 38 -28.40 -1.33 5.91
CA TRP B 38 -27.17 -1.11 5.19
C TRP B 38 -26.12 -0.33 5.95
N VAL B 39 -24.91 -0.83 5.86
CA VAL B 39 -23.69 -0.23 6.45
C VAL B 39 -22.72 0.23 5.35
N LEU B 40 -22.28 1.47 5.47
CA LEU B 40 -21.23 2.01 4.64
C LEU B 40 -19.87 1.90 5.35
N THR B 41 -18.88 1.40 4.63
CA THR B 41 -17.53 1.23 5.16
C THR B 41 -16.51 1.36 4.03
N ALA B 42 -15.23 1.16 4.35
CA ALA B 42 -14.17 1.28 3.38
C ALA B 42 -13.90 -0.04 2.73
N ALA B 43 -13.68 -0.04 1.42
CA ALA B 43 -13.44 -1.27 0.66
C ALA B 43 -12.21 -2.01 1.15
N HIS B 44 -11.19 -1.29 1.58
CA HIS B 44 -9.95 -1.92 1.96
C HIS B 44 -10.08 -2.70 3.24
N CYS B 45 -11.16 -2.46 3.99
CA CYS B 45 -11.43 -3.29 5.16
C CYS B 45 -11.82 -4.69 4.77
N VAL B 46 -12.47 -4.85 3.62
CA VAL B 46 -12.98 -6.16 3.24
C VAL B 46 -12.57 -6.64 1.85
N GLY B 47 -11.62 -5.98 1.23
CA GLY B 47 -11.11 -6.37 -0.10
C GLY B 47 -9.70 -5.84 -0.31
N PRO B 48 -9.19 -5.99 -1.53
CA PRO B 48 -9.87 -6.47 -2.72
C PRO B 48 -10.14 -7.96 -2.81
N ASP B 49 -9.40 -8.77 -2.07
CA ASP B 49 -9.64 -10.22 -2.06
C ASP B 49 -10.96 -10.61 -1.43
N VAL B 50 -11.64 -11.54 -2.08
CA VAL B 50 -12.95 -11.97 -1.61
C VAL B 50 -12.80 -12.68 -0.26
N LYS B 51 -13.68 -12.35 0.66
CA LYS B 51 -13.69 -12.96 2.00
C LYS B 51 -14.99 -13.76 2.29
N ASP B 52 -14.93 -14.59 3.31
CA ASP B 52 -16.05 -15.41 3.73
C ASP B 52 -16.96 -14.60 4.67
N LEU B 53 -18.24 -14.49 4.30
CA LEU B 53 -19.25 -13.77 5.10
C LEU B 53 -19.51 -14.32 6.52
N ALA B 54 -19.36 -15.61 6.71
CA ALA B 54 -19.59 -16.21 8.03
C ALA B 54 -18.55 -15.67 9.05
N ALA B 55 -17.36 -15.41 8.58
CA ALA B 55 -16.30 -14.91 9.40
C ALA B 55 -16.44 -13.40 9.66
N LEU B 56 -17.56 -12.78 9.30
CA LEU B 56 -17.76 -11.35 9.48
C LEU B 56 -19.09 -10.99 10.18
N ARG B 57 -19.02 -10.09 11.18
CA ARG B 57 -20.23 -9.52 11.75
C ARG B 57 -20.12 -8.08 12.05
N VAL B 58 -21.25 -7.53 12.44
CA VAL B 58 -21.40 -6.12 12.66
C VAL B 58 -22.00 -5.87 14.04
N GLN B 59 -21.52 -4.82 14.69
CA GLN B 59 -21.96 -4.45 15.99
C GLN B 59 -22.38 -3.01 15.89
N LEU B 60 -23.58 -2.68 16.37
CA LEU B 60 -24.08 -1.32 16.32
C LEU B 60 -23.59 -0.56 17.50
N ARG B 61 -23.97 0.71 17.58
CA ARG B 61 -23.26 1.58 18.48
C ARG B 61 -23.17 1.00 19.87
N GLU B 62 -21.96 1.08 20.44
CA GLU B 62 -21.62 0.48 21.71
C GLU B 62 -20.73 1.54 22.35
N GLN B 63 -20.87 1.81 23.62
CA GLN B 63 -19.98 2.77 24.23
C GLN B 63 -18.55 2.15 24.34
N HIS B 64 -18.47 0.86 24.71
CA HIS B 64 -17.19 0.14 24.94
C HIS B 64 -17.20 -1.19 24.18
N LEU B 65 -16.24 -1.40 23.29
CA LEU B 65 -16.20 -2.62 22.52
C LEU B 65 -16.20 -3.83 23.42
N TYR B 66 -16.91 -4.85 23.00
CA TYR B 66 -16.84 -6.20 23.56
C TYR B 66 -17.75 -6.47 24.76
N TYR B 67 -18.09 -5.43 25.48
CA TYR B 67 -18.84 -5.54 26.71
C TYR B 67 -20.20 -6.15 26.52
N GLN B 68 -21.02 -5.49 25.73
CA GLN B 68 -22.44 -5.85 25.64
C GLN B 68 -22.73 -6.27 24.21
N ASP B 69 -21.89 -7.12 23.64
CA ASP B 69 -22.01 -7.41 22.21
C ASP B 69 -23.35 -8.05 21.86
N GLN B 70 -23.97 -7.58 20.78
CA GLN B 70 -25.06 -8.29 20.06
C GLN B 70 -24.70 -8.20 18.57
N LEU B 71 -24.06 -9.25 18.10
CA LEU B 71 -23.42 -9.23 16.83
C LEU B 71 -24.46 -9.60 15.78
N LEU B 72 -24.49 -8.84 14.67
CA LEU B 72 -25.41 -9.05 13.55
C LEU B 72 -24.74 -9.63 12.32
N PRO B 73 -25.33 -10.69 11.74
CA PRO B 73 -24.69 -11.23 10.54
C PRO B 73 -24.97 -10.37 9.27
N VAL B 74 -24.20 -10.66 8.23
CA VAL B 74 -24.18 -9.87 7.01
C VAL B 74 -24.59 -10.79 5.87
N SER B 75 -25.49 -10.32 5.02
CA SER B 75 -25.95 -11.13 3.86
C SER B 75 -25.14 -10.85 2.60
N ARG B 76 -24.55 -9.66 2.51
CA ARG B 76 -23.79 -9.37 1.33
C ARG B 76 -22.75 -8.30 1.57
N ILE B 77 -21.59 -8.51 0.96
CA ILE B 77 -20.58 -7.46 0.89
C ILE B 77 -20.50 -6.93 -0.53
N ILE B 78 -20.51 -5.62 -0.71
CA ILE B 78 -20.41 -5.05 -2.06
C ILE B 78 -19.27 -4.07 -2.04
N VAL B 79 -18.16 -4.45 -2.69
CA VAL B 79 -16.97 -3.61 -2.74
C VAL B 79 -17.04 -2.87 -4.04
N HIS B 80 -16.74 -1.59 -4.05
CA HIS B 80 -16.75 -0.89 -5.32
C HIS B 80 -15.83 -1.66 -6.31
N PRO B 81 -16.30 -1.93 -7.54
CA PRO B 81 -15.48 -2.72 -8.50
C PRO B 81 -14.24 -2.02 -9.10
N GLN B 82 -14.13 -0.71 -8.98
CA GLN B 82 -12.90 -0.04 -9.33
C GLN B 82 -11.86 -0.07 -8.25
N PHE B 83 -12.19 -0.61 -7.08
CA PHE B 83 -11.24 -0.63 -5.96
C PHE B 83 -10.16 -1.71 -6.10
N TYR B 84 -8.90 -1.29 -5.93
CA TYR B 84 -7.82 -2.24 -5.73
C TYR B 84 -6.94 -1.83 -4.48
N THR B 85 -6.54 -0.56 -4.35
CA THR B 85 -5.89 -0.06 -3.12
C THR B 85 -6.43 1.32 -2.80
N ALA B 86 -6.28 1.71 -1.54
CA ALA B 86 -6.80 2.99 -1.08
C ALA B 86 -6.21 4.17 -1.81
N GLN B 87 -4.97 4.09 -2.22
CA GLN B 87 -4.26 5.27 -2.79
C GLN B 87 -4.70 5.48 -4.23
N ILE B 88 -5.18 4.43 -4.92
CA ILE B 88 -5.77 4.57 -6.26
C ILE B 88 -7.19 5.09 -6.16
N GLY B 89 -7.94 4.65 -5.16
CA GLY B 89 -9.26 5.23 -4.89
C GLY B 89 -10.41 4.24 -4.98
N ALA B 90 -11.65 4.77 -5.00
CA ALA B 90 -12.86 3.96 -4.89
C ALA B 90 -12.83 3.07 -3.65
N ASP B 91 -12.28 3.61 -2.56
CA ASP B 91 -12.22 2.92 -1.28
C ASP B 91 -13.57 3.01 -0.53
N ILE B 92 -14.51 2.18 -0.96
CA ILE B 92 -15.85 2.31 -0.47
C ILE B 92 -16.53 0.98 -0.65
N ALA B 93 -17.25 0.56 0.39
CA ALA B 93 -17.99 -0.67 0.36
C ALA B 93 -19.31 -0.59 1.12
N LEU B 94 -20.21 -1.49 0.76
CA LEU B 94 -21.51 -1.62 1.41
C LEU B 94 -21.61 -3.00 2.03
N LEU B 95 -22.12 -3.08 3.25
CA LEU B 95 -22.59 -4.36 3.78
C LEU B 95 -24.13 -4.37 3.94
N GLU B 96 -24.74 -5.43 3.48
CA GLU B 96 -26.18 -5.55 3.62
C GLU B 96 -26.41 -6.44 4.83
N LEU B 97 -27.11 -5.94 5.83
CA LEU B 97 -27.43 -6.78 7.01
C LEU B 97 -28.46 -7.81 6.60
N GLU B 98 -28.48 -8.94 7.28
CA GLU B 98 -29.53 -9.93 7.10
C GLU B 98 -30.91 -9.49 7.54
N GLU B 99 -31.01 -8.46 8.40
CA GLU B 99 -32.28 -8.01 8.97
C GLU B 99 -32.25 -6.51 9.10
N PRO B 100 -33.40 -5.86 8.97
CA PRO B 100 -33.37 -4.42 9.27
C PRO B 100 -33.12 -4.15 10.75
N VAL B 101 -32.33 -3.15 11.07
CA VAL B 101 -32.23 -2.73 12.43
C VAL B 101 -33.51 -1.96 12.80
N LYS B 102 -34.07 -2.28 13.98
CA LYS B 102 -35.16 -1.47 14.58
C LYS B 102 -34.53 -0.18 15.07
N VAL B 103 -34.82 0.93 14.39
CA VAL B 103 -34.14 2.17 14.75
C VAL B 103 -34.79 2.85 15.95
N SER B 104 -33.97 3.62 16.66
CA SER B 104 -34.33 4.29 17.90
C SER B 104 -33.49 5.59 17.98
N SER B 105 -33.49 6.27 19.12
CA SER B 105 -32.64 7.47 19.33
C SER B 105 -31.19 7.10 19.58
N HIS B 106 -30.99 5.99 20.26
CA HIS B 106 -29.66 5.48 20.53
C HIS B 106 -28.98 4.85 19.30
N VAL B 107 -29.79 4.20 18.46
CA VAL B 107 -29.35 3.58 17.22
C VAL B 107 -30.17 4.06 16.02
N HIS B 108 -29.63 5.00 15.25
CA HIS B 108 -30.24 5.36 13.98
C HIS B 108 -29.25 5.72 12.85
N THR B 109 -29.79 5.83 11.65
CA THR B 109 -29.02 6.03 10.44
C THR B 109 -28.47 7.47 10.36
N VAL B 110 -27.41 7.65 9.62
CA VAL B 110 -26.87 8.98 9.36
C VAL B 110 -27.40 9.44 7.98
N THR B 111 -27.44 10.72 7.76
CA THR B 111 -27.90 11.19 6.46
C THR B 111 -26.71 11.39 5.46
N LEU B 112 -26.87 10.82 4.26
CA LEU B 112 -25.96 11.08 3.14
C LEU B 112 -26.16 12.46 2.59
N PRO B 113 -25.09 13.09 2.13
CA PRO B 113 -25.36 14.43 1.65
C PRO B 113 -26.06 14.40 0.29
N PRO B 114 -26.63 15.54 -0.12
CA PRO B 114 -27.03 15.64 -1.53
C PRO B 114 -25.79 15.78 -2.43
N ALA B 115 -25.96 15.37 -3.69
CA ALA B 115 -24.90 15.43 -4.70
C ALA B 115 -24.26 16.81 -4.79
N SER B 116 -25.08 17.84 -4.60
CA SER B 116 -24.61 19.22 -4.70
C SER B 116 -23.76 19.66 -3.51
N GLU B 117 -23.74 18.90 -2.43
CA GLU B 117 -23.19 19.40 -1.18
C GLU B 117 -21.67 19.59 -1.28
N THR B 118 -21.22 20.83 -1.12
CA THR B 118 -19.80 21.13 -1.01
C THR B 118 -19.60 21.40 0.46
N PHE B 119 -18.66 20.69 1.08
CA PHE B 119 -18.31 20.96 2.44
C PHE B 119 -17.16 21.94 2.43
N PRO B 120 -17.44 23.22 2.63
CA PRO B 120 -16.35 24.17 2.48
C PRO B 120 -15.14 23.96 3.44
N PRO B 121 -13.94 24.28 2.97
CA PRO B 121 -12.73 24.31 3.79
C PRO B 121 -12.92 24.95 5.11
N GLY B 122 -12.26 24.45 6.14
CA GLY B 122 -12.35 25.00 7.47
C GLY B 122 -13.59 24.56 8.23
N MET B 123 -14.57 24.00 7.55
CA MET B 123 -15.79 23.52 8.20
C MET B 123 -15.45 22.44 9.28
N PRO B 124 -16.06 22.53 10.48
CA PRO B 124 -15.77 21.55 11.52
C PRO B 124 -16.57 20.27 11.34
N CYS B 125 -15.85 19.18 11.18
CA CYS B 125 -16.43 17.88 11.07
C CYS B 125 -15.87 17.02 12.18
N TRP B 126 -16.46 15.85 12.33
CA TRP B 126 -16.07 14.97 13.39
C TRP B 126 -15.88 13.58 12.85
N VAL B 127 -14.93 12.89 13.46
CA VAL B 127 -14.64 11.53 13.07
C VAL B 127 -14.64 10.71 14.35
N THR B 128 -15.08 9.47 14.26
CA THR B 128 -15.32 8.65 15.43
C THR B 128 -14.79 7.24 15.19
N GLY B 129 -14.38 6.61 16.25
CA GLY B 129 -14.00 5.23 16.11
C GLY B 129 -13.27 4.67 17.30
N TRP B 130 -12.88 3.40 17.17
CA TRP B 130 -12.11 2.72 18.20
C TRP B 130 -10.73 2.38 17.73
N GLY B 131 -10.14 3.21 16.89
CA GLY B 131 -8.80 2.92 16.46
C GLY B 131 -7.71 3.41 17.41
N ASP B 132 -6.48 3.12 17.01
CA ASP B 132 -5.29 3.53 17.68
C ASP B 132 -5.33 5.00 18.10
N VAL B 133 -4.78 5.28 19.28
CA VAL B 133 -4.68 6.65 19.78
C VAL B 133 -3.38 7.36 19.43
N ASP B 134 -2.52 6.70 18.65
CA ASP B 134 -1.31 7.32 18.11
C ASP B 134 -0.67 6.30 17.20
N ASN B 135 0.41 6.67 16.53
CA ASN B 135 1.17 5.69 15.73
C ASN B 135 1.60 4.50 16.55
N ASP B 136 1.17 3.33 16.10
CA ASP B 136 1.46 2.05 16.75
C ASP B 136 1.22 2.07 18.27
N GLU B 137 0.05 2.56 18.67
CA GLU B 137 -0.41 2.55 20.05
C GLU B 137 -1.92 2.24 20.07
N ARG B 138 -2.24 1.05 20.53
CA ARG B 138 -3.61 0.54 20.58
C ARG B 138 -4.52 1.32 21.53
N LEU B 139 -5.81 1.42 21.21
CA LEU B 139 -6.79 1.89 22.15
C LEU B 139 -6.79 0.96 23.36
N PRO B 140 -6.48 1.47 24.57
CA PRO B 140 -6.51 0.63 25.80
C PRO B 140 -7.92 0.17 26.22
N PRO B 141 -7.99 -1.00 26.84
CA PRO B 141 -9.23 -1.31 27.54
C PRO B 141 -9.64 -0.12 28.44
N PRO B 142 -10.95 0.12 28.64
CA PRO B 142 -12.14 -0.62 28.13
C PRO B 142 -12.66 -0.22 26.69
N PHE B 143 -11.80 0.29 25.82
CA PHE B 143 -12.15 0.50 24.42
C PHE B 143 -13.34 1.45 24.21
N PRO B 144 -13.22 2.65 24.79
CA PRO B 144 -14.33 3.60 24.63
C PRO B 144 -14.34 4.12 23.21
N LEU B 145 -15.51 4.41 22.67
CA LEU B 145 -15.63 5.03 21.38
C LEU B 145 -15.09 6.44 21.46
N LYS B 146 -14.15 6.82 20.60
CA LYS B 146 -13.62 8.18 20.67
C LYS B 146 -14.14 9.05 19.52
N GLN B 147 -13.96 10.35 19.69
CA GLN B 147 -14.46 11.33 18.75
C GLN B 147 -13.42 12.41 18.70
N VAL B 148 -13.31 13.06 17.56
CA VAL B 148 -12.43 14.19 17.43
C VAL B 148 -12.91 15.11 16.31
N LYS B 149 -12.67 16.39 16.53
CA LYS B 149 -13.06 17.44 15.59
C LYS B 149 -11.91 17.70 14.68
N VAL B 150 -12.15 17.58 13.39
CA VAL B 150 -11.11 17.75 12.37
C VAL B 150 -11.60 18.76 11.35
N PRO B 151 -10.84 19.83 11.11
CA PRO B 151 -11.26 20.72 9.96
C PRO B 151 -11.07 20.11 8.54
N ILE B 152 -12.05 20.25 7.68
CA ILE B 152 -11.90 19.91 6.27
C ILE B 152 -10.90 20.82 5.57
N MET B 153 -10.16 20.26 4.65
CA MET B 153 -9.18 21.01 3.92
C MET B 153 -9.41 20.72 2.44
N GLU B 154 -9.36 21.75 1.62
CA GLU B 154 -9.38 21.63 0.15
C GLU B 154 -8.35 20.61 -0.42
N ASN B 155 -8.81 19.81 -1.37
CA ASN B 155 -7.92 18.87 -2.05
C ASN B 155 -6.66 19.46 -2.58
N HIS B 156 -6.71 20.63 -3.23
CA HIS B 156 -5.49 21.23 -3.77
C HIS B 156 -4.44 21.43 -2.67
N ILE B 157 -4.86 22.00 -1.55
CA ILE B 157 -3.96 22.19 -0.44
C ILE B 157 -3.44 20.85 0.12
N CYS B 158 -4.34 19.88 0.27
CA CYS B 158 -3.96 18.63 0.81
C CYS B 158 -2.94 17.92 -0.10
N ASP B 159 -3.20 17.96 -1.42
CA ASP B 159 -2.32 17.34 -2.40
C ASP B 159 -0.92 17.94 -2.28
N ALA B 160 -0.86 19.25 -2.18
CA ALA B 160 0.39 19.96 -2.13
C ALA B 160 1.14 19.63 -0.85
N LYS B 161 0.43 19.43 0.25
CA LYS B 161 1.12 19.08 1.48
C LYS B 161 1.77 17.70 1.36
N TYR B 162 1.06 16.74 0.76
CA TYR B 162 1.60 15.40 0.52
C TYR B 162 2.82 15.40 -0.35
N HIS B 163 3.03 16.49 -1.11
CA HIS B 163 4.19 16.61 -1.96
C HIS B 163 5.39 17.14 -1.19
N LEU B 164 5.16 17.84 -0.08
CA LEU B 164 6.27 18.35 0.73
C LEU B 164 7.05 17.25 1.41
N GLY B 165 8.38 17.27 1.24
CA GLY B 165 9.23 16.22 1.81
C GLY B 165 9.03 14.91 1.06
N ALA B 166 8.66 14.98 -0.21
CA ALA B 166 8.45 13.78 -1.03
C ALA B 166 9.21 13.98 -2.30
N TYR B 167 9.44 12.88 -3.02
CA TYR B 167 10.04 12.87 -4.38
C TYR B 167 9.02 12.95 -5.51
N THR B 168 7.76 12.60 -5.24
CA THR B 168 6.73 12.55 -6.25
C THR B 168 6.70 13.92 -6.87
N GLY B 169 6.68 13.99 -8.19
CA GLY B 169 6.62 15.29 -8.88
C GLY B 169 5.38 16.09 -8.51
N ASP B 170 5.52 17.40 -8.46
CA ASP B 170 4.39 18.28 -8.03
C ASP B 170 3.17 18.19 -8.96
N ASP B 171 3.37 17.98 -10.24
CA ASP B 171 2.26 17.71 -11.18
C ASP B 171 1.58 16.32 -11.05
N VAL B 172 2.05 15.45 -10.15
CA VAL B 172 1.54 14.09 -10.08
C VAL B 172 0.69 14.00 -8.85
N ARG B 173 -0.55 13.67 -9.08
CA ARG B 173 -1.57 13.79 -8.10
C ARG B 173 -1.51 12.64 -7.12
N ILE B 174 -1.50 12.96 -5.83
CA ILE B 174 -1.55 11.96 -4.75
C ILE B 174 -2.96 11.92 -4.20
N VAL B 175 -3.54 13.07 -3.90
CA VAL B 175 -4.90 13.08 -3.37
C VAL B 175 -5.85 13.25 -4.51
N ARG B 176 -6.63 12.21 -4.80
CA ARG B 176 -7.45 12.17 -6.02
C ARG B 176 -8.83 12.79 -5.78
N ASP B 177 -9.63 12.90 -6.82
CA ASP B 177 -10.83 13.74 -6.75
C ASP B 177 -11.96 13.02 -6.10
N ASP B 178 -11.91 11.69 -6.08
CA ASP B 178 -12.85 10.94 -5.22
C ASP B 178 -12.43 10.91 -3.70
N MET B 179 -11.49 11.75 -3.30
CA MET B 179 -11.04 11.81 -1.92
C MET B 179 -11.22 13.20 -1.34
N LEU B 180 -11.06 13.27 -0.03
CA LEU B 180 -11.26 14.46 0.76
C LEU B 180 -10.25 14.41 1.89
N CYS B 181 -9.64 15.54 2.26
CA CYS B 181 -8.72 15.58 3.40
C CYS B 181 -9.25 16.31 4.56
N ALA B 182 -8.87 15.82 5.73
CA ALA B 182 -9.18 16.51 6.94
C ALA B 182 -8.16 16.09 8.03
N GLY B 183 -7.92 16.99 8.98
CA GLY B 183 -7.07 16.72 10.13
C GLY B 183 -5.72 17.45 10.12
N ASN B 184 -4.94 17.25 11.16
CA ASN B 184 -3.67 17.94 11.34
C ASN B 184 -2.80 17.16 12.32
N THR B 185 -1.70 17.75 12.79
CA THR B 185 -0.74 17.00 13.66
C THR B 185 -1.25 16.81 15.06
N ARG B 186 -2.35 17.45 15.45
CA ARG B 186 -2.94 17.09 16.73
C ARG B 186 -4.23 16.25 16.66
N ARG B 187 -4.94 16.26 15.54
CA ARG B 187 -6.28 15.70 15.48
C ARG B 187 -6.48 14.85 14.18
N ASP B 188 -6.65 13.56 14.34
CA ASP B 188 -6.74 12.67 13.17
C ASP B 188 -7.43 11.35 13.51
N SER B 189 -7.78 10.63 12.46
CA SER B 189 -8.20 9.26 12.57
C SER B 189 -6.94 8.39 12.42
N CYS B 190 -7.05 7.11 12.70
CA CYS B 190 -5.89 6.21 12.73
C CYS B 190 -6.28 4.81 12.36
N GLN B 191 -5.33 3.88 12.34
CA GLN B 191 -5.66 2.47 12.08
C GLN B 191 -6.73 1.92 13.04
N GLY B 192 -7.65 1.13 12.49
CA GLY B 192 -8.90 0.73 13.18
C GLY B 192 -10.08 1.74 13.16
N ASP B 193 -9.84 2.95 12.70
CA ASP B 193 -10.94 3.87 12.45
C ASP B 193 -11.40 3.73 11.00
N SER B 194 -10.59 3.11 10.16
CA SER B 194 -10.94 2.86 8.78
C SER B 194 -12.35 2.46 8.60
N GLY B 195 -13.00 3.05 7.58
CA GLY B 195 -14.36 2.70 7.21
C GLY B 195 -15.37 3.48 8.00
N GLY B 196 -14.92 4.14 9.04
CA GLY B 196 -15.77 4.94 9.86
C GLY B 196 -16.13 6.26 9.25
N PRO B 197 -17.08 6.97 9.85
CA PRO B 197 -17.64 8.13 9.16
C PRO B 197 -17.01 9.46 9.55
N LEU B 198 -16.85 10.33 8.55
CA LEU B 198 -16.54 11.74 8.80
C LEU B 198 -17.85 12.47 8.56
N VAL B 199 -18.32 13.14 9.59
CA VAL B 199 -19.63 13.74 9.55
C VAL B 199 -19.56 15.23 9.86
N CYS B 200 -20.37 16.03 9.18
CA CYS B 200 -20.43 17.48 9.51
C CYS B 200 -21.88 17.90 9.77
N LYS B 201 -22.06 18.86 10.68
CA LYS B 201 -23.37 19.40 10.93
C LYS B 201 -23.56 20.61 10.02
N VAL B 202 -24.52 20.49 9.11
CA VAL B 202 -24.75 21.46 8.07
C VAL B 202 -26.18 21.89 8.21
N ASN B 203 -26.41 23.19 8.43
CA ASN B 203 -27.76 23.75 8.45
C ASN B 203 -28.54 22.96 9.49
N GLY B 204 -27.97 22.93 10.70
CA GLY B 204 -28.43 22.05 11.79
C GLY B 204 -28.61 20.55 11.59
N THR B 205 -28.09 19.94 10.50
CA THR B 205 -28.21 18.47 10.28
C THR B 205 -26.88 17.73 10.06
N TRP B 206 -26.79 16.50 10.59
CA TRP B 206 -25.54 15.74 10.50
C TRP B 206 -25.45 15.06 9.15
N LEU B 207 -24.47 15.44 8.33
CA LEU B 207 -24.29 14.71 7.07
C LEU B 207 -22.98 13.93 7.01
N GLN B 208 -23.01 12.76 6.40
CA GLN B 208 -21.75 12.03 6.23
C GLN B 208 -21.02 12.49 5.01
N ALA B 209 -19.85 13.08 5.22
CA ALA B 209 -19.01 13.63 4.13
C ALA B 209 -17.96 12.64 3.63
N GLY B 210 -17.49 11.80 4.56
CA GLY B 210 -16.36 10.92 4.31
C GLY B 210 -16.39 9.56 4.98
N VAL B 211 -15.54 8.71 4.45
CA VAL B 211 -15.23 7.43 5.01
C VAL B 211 -13.71 7.41 5.23
N VAL B 212 -13.30 7.25 6.49
CA VAL B 212 -11.88 7.00 6.80
C VAL B 212 -11.25 6.00 5.84
N SER B 213 -10.23 6.44 5.11
CA SER B 213 -9.62 5.63 4.06
C SER B 213 -8.13 5.41 4.27
N TRP B 214 -7.28 6.44 4.21
CA TRP B 214 -5.82 6.26 4.49
C TRP B 214 -5.11 7.56 4.87
N GLY B 215 -3.79 7.49 4.94
CA GLY B 215 -2.95 8.62 5.21
C GLY B 215 -1.53 8.14 5.40
N GLU B 216 -0.55 9.02 5.48
CA GLU B 216 0.82 8.59 5.87
C GLU B 216 0.99 8.67 7.36
N GLY B 217 0.81 7.54 8.03
CA GLY B 217 0.73 7.53 9.47
C GLY B 217 -0.47 8.29 9.93
N CYS B 218 -0.45 8.67 11.20
CA CYS B 218 -1.56 9.38 11.86
C CYS B 218 -0.96 10.67 12.46
N ALA B 219 -1.55 11.80 12.18
CA ALA B 219 -1.11 13.03 12.83
C ALA B 219 0.38 13.39 12.59
N GLN B 220 0.89 13.10 11.40
CA GLN B 220 2.24 13.51 10.98
C GLN B 220 2.21 14.86 10.29
N PRO B 221 3.33 15.58 10.28
CA PRO B 221 3.37 16.89 9.61
C PRO B 221 3.12 16.77 8.12
N ASN B 222 2.32 17.67 7.61
CA ASN B 222 1.98 17.73 6.18
C ASN B 222 1.35 16.45 5.58
N ARG B 223 0.72 15.66 6.43
CA ARG B 223 0.14 14.41 5.96
C ARG B 223 -1.23 14.26 6.57
N PRO B 224 -2.15 15.21 6.27
CA PRO B 224 -3.54 15.06 6.74
C PRO B 224 -4.19 13.74 6.37
N GLY B 225 -5.20 13.35 7.14
CA GLY B 225 -5.92 12.09 6.84
C GLY B 225 -6.71 12.18 5.58
N ILE B 226 -6.87 11.08 4.89
CA ILE B 226 -7.57 11.10 3.64
C ILE B 226 -8.80 10.20 3.70
N TYR B 227 -9.92 10.73 3.18
CA TYR B 227 -11.23 10.12 3.30
C TYR B 227 -11.78 9.90 1.93
N THR B 228 -12.55 8.84 1.76
CA THR B 228 -13.29 8.69 0.55
C THR B 228 -14.43 9.76 0.57
N ARG B 229 -14.62 10.47 -0.52
CA ARG B 229 -15.61 11.55 -0.59
C ARG B 229 -16.96 10.97 -0.89
N VAL B 230 -17.92 11.07 0.03
CA VAL B 230 -19.13 10.32 -0.18
C VAL B 230 -19.95 10.86 -1.37
N THR B 231 -19.97 12.19 -1.57
CA THR B 231 -20.72 12.80 -2.71
C THR B 231 -20.26 12.24 -4.02
N TYR B 232 -18.96 12.00 -4.16
CA TYR B 232 -18.49 11.33 -5.35
C TYR B 232 -19.17 9.97 -5.58
N TYR B 233 -19.57 9.25 -4.56
CA TYR B 233 -20.12 7.89 -4.80
C TYR B 233 -21.62 7.73 -4.54
N LEU B 234 -22.35 8.85 -4.37
CA LEU B 234 -23.79 8.79 -4.16
C LEU B 234 -24.53 7.94 -5.14
N ASP B 235 -24.28 8.04 -6.44
CA ASP B 235 -25.06 7.26 -7.39
C ASP B 235 -24.74 5.78 -7.27
N TRP B 236 -23.49 5.44 -6.98
CA TRP B 236 -23.17 4.01 -6.77
C TRP B 236 -23.82 3.48 -5.46
N ILE B 237 -23.75 4.28 -4.43
CA ILE B 237 -24.44 3.94 -3.19
C ILE B 237 -25.94 3.72 -3.47
N HIS B 238 -26.63 4.72 -4.03
CA HIS B 238 -28.09 4.58 -4.34
C HIS B 238 -28.50 3.56 -5.37
N HIS B 239 -27.55 2.87 -5.97
CA HIS B 239 -27.88 1.82 -6.88
C HIS B 239 -28.26 0.57 -6.12
N TYR B 240 -27.92 0.57 -4.84
CA TYR B 240 -28.14 -0.58 -3.99
C TYR B 240 -28.96 -0.21 -2.77
N VAL B 241 -28.77 0.98 -2.25
CA VAL B 241 -29.39 1.36 -1.05
C VAL B 241 -30.59 2.21 -1.37
N PRO B 242 -31.80 1.76 -0.95
CA PRO B 242 -33.06 2.54 -1.03
C PRO B 242 -32.95 4.01 -0.60
N LYS B 243 -33.64 4.87 -1.35
CA LYS B 243 -33.72 6.31 -1.05
C LYS B 243 -35.03 6.58 -0.34
O8 2A4 C . 1.33 4.88 6.23
O8 2A4 C . 1.13 -8.78 0.42
C36 2A4 C . 0.46 4.25 5.73
C36 2A4 C . 1.72 -7.80 0.10
N5 2A4 C . -0.49 3.72 6.46
N5 2A4 C . 3.01 -7.65 0.28
C41 2A4 C . -1.65 3.10 5.89
C41 2A4 C . 3.72 -6.48 -0.14
C40 2A4 C . -2.83 3.94 6.32
C40 2A4 C . 4.61 -6.94 -1.27
C39 2A4 C . -2.91 4.04 7.83
C39 2A4 C . 5.54 -8.01 -0.73
C42 2A4 C . -4.11 4.83 8.16
C42 2A4 C . 6.46 -8.40 -1.81
C47 2A4 C . -4.17 6.21 8.33
C47 2A4 C . 6.12 -9.23 -2.85
C46 2A4 C . -5.42 6.76 8.61
C46 2A4 C . 7.04 -9.53 -3.82
C48 2A4 C . -5.71 8.21 8.83
C48 2A4 C . 6.71 -10.41 -4.98
N6 2A4 C . -4.63 9.06 8.49
N6 2A4 C . 6.58 -11.74 -4.49
C45 2A4 C . -6.53 5.97 8.72
C45 2A4 C . 8.29 -9.02 -3.76
C44 2A4 C . -6.46 4.62 8.56
C44 2A4 C . 8.63 -8.22 -2.73
C43 2A4 C . -5.24 4.07 8.28
C43 2A4 C . 7.73 -7.90 -1.75
C38 2A4 C . -1.61 4.56 8.39
C38 2A4 C . 4.71 -9.15 -0.22
C37 2A4 C . -0.45 3.72 7.90
C37 2A4 C . 3.82 -8.67 0.89
C34 2A4 C . 0.51 4.11 4.26
C34 2A4 C . 0.91 -6.74 -0.55
C33 2A4 C . 0.46 5.21 3.44
C33 2A4 C . 0.36 -7.01 -1.77
C32 2A4 C . 0.52 5.07 2.06
C32 2A4 C . -0.40 -6.07 -2.41
C31 2A4 C . 0.65 3.81 1.51
C31 2A4 C . -0.63 -4.86 -1.81
C35 2A4 C . 0.66 2.88 3.70
C35 2A4 C . 0.68 -5.53 0.07
C30 2A4 C . 0.71 2.71 2.34
C30 2A4 C . -0.08 -4.59 -0.58
N4 2A4 C . 0.84 1.45 1.89
N4 2A4 C . -0.27 -3.43 0.07
C29 2A4 C . 0.96 1.11 0.63
C29 2A4 C . -0.80 -2.35 -0.48
O7 2A4 C . 1.17 1.86 -0.28
O7 2A4 C . -1.54 -2.35 -1.41
C1 2A4 C . 0.82 -0.33 0.34
C1 2A4 C . -0.41 -1.08 0.16
O6 2A4 C . 1.56 -0.68 -0.81
O6 2A4 C . -1.41 -0.11 -0.10
C2 2A4 C . -0.62 -0.85 0.29
C2 2A4 C . 1.03 -0.62 -0.12
C28 2A4 C . -0.90 -1.78 -0.88
C28 2A4 C . 1.09 0.83 -0.56
C3 2A4 C . -1.72 0.20 0.26
C3 2A4 C . 1.82 -1.42 -1.12
O3 2A4 C . 1.41 -0.95 1.46
O3 2A4 C . -0.45 -1.41 1.53
C4 2A4 C . 0.54 -1.82 2.12
C4 2A4 C . 0.80 -1.23 2.13
O1 2A4 C . -0.72 -1.54 1.52
O1 2A4 C . 1.68 -0.86 1.10
C5 2A4 C . 0.44 -1.50 3.61
C5 2A4 C . 1.15 -2.51 2.91
C7 2A4 C . 1.70 -0.86 4.14
C7 2A4 C . 2.02 -2.20 4.11
O2 2A4 C . -0.63 -0.58 3.76
O2 2A4 C . -0.05 -3.05 3.44
C6 2A4 C . 0.13 -2.75 4.43
C6 2A4 C . 1.77 -3.58 2.01
C8 2A4 C . 0.83 -3.22 1.72
C8 2A4 C . 0.71 0.01 2.90
O4 2A4 C . 1.80 -3.86 2.08
O4 2A4 C . 0.38 -0.06 4.07
N1 2A4 C . -0.11 -3.67 0.91
N1 2A4 C . 1.00 1.08 2.15
C9 2A4 C . 0.06 -4.64 0.02
C9 2A4 C . 0.79 2.37 2.48
C14 2A4 C . 0.76 -5.75 0.39
C14 2A4 C . 0.72 2.72 3.81
C13 2A4 C . 0.94 -6.78 -0.48
C13 2A4 C . 0.51 4.00 4.21
C12 2A4 C . 0.41 -6.74 -1.73
C12 2A4 C . 0.42 5.00 3.26
C11 2A4 C . -0.30 -5.63 -2.11
C11 2A4 C . 0.52 4.66 1.91
C10 2A4 C . -0.49 -4.58 -1.25
C10 2A4 C . 0.70 3.35 1.52
C15 2A4 C . 1.74 -7.89 0.07
C15 2A4 C . 0.43 4.25 5.67
O5 2A4 C . 1.15 -8.90 0.34
O5 2A4 C . 1.28 4.94 6.13
N2 2A4 C . 3.04 -7.73 0.28
N2 2A4 C . -0.50 3.73 6.43
C20 2A4 C . 3.85 -8.75 0.88
C20 2A4 C . -0.44 3.74 7.87
C19 2A4 C . 4.74 -9.20 -0.23
C19 2A4 C . -1.61 4.56 8.38
C18 2A4 C . 5.55 -8.05 -0.74
C18 2A4 C . -2.91 4.04 7.83
C17 2A4 C . 4.64 -6.96 -1.24
C17 2A4 C . -2.83 3.94 6.32
C16 2A4 C . 3.75 -6.53 -0.08
C16 2A4 C . -1.67 3.09 5.88
C21 2A4 C . 6.48 -8.42 -1.82
C21 2A4 C . -4.10 4.82 8.16
C26 2A4 C . 6.13 -9.23 -2.86
C26 2A4 C . -4.17 6.21 8.33
C25 2A4 C . 7.04 -9.53 -3.83
C25 2A4 C . -5.42 6.76 8.61
C27 2A4 C . 6.71 -10.40 -4.99
C27 2A4 C . -5.71 8.21 8.83
N3 2A4 C . 6.58 -11.75 -4.51
N3 2A4 C . -4.63 9.06 8.49
C24 2A4 C . 8.31 -9.02 -3.77
C24 2A4 C . -6.53 5.97 8.72
C23 2A4 C . 8.64 -8.22 -2.74
C23 2A4 C . -6.45 4.61 8.55
C22 2A4 C . 7.74 -7.91 -1.76
C22 2A4 C . -5.24 4.07 8.28
S SO4 D . 9.65 -4.92 0.87
O1 SO4 D . 9.90 -3.51 0.46
O2 SO4 D . 10.63 -5.83 0.20
O3 SO4 D . 9.84 -4.96 2.35
O4 SO4 D . 8.25 -5.28 0.52
O1 MES E . 1.72 6.40 -12.66
C2 MES E . 2.74 5.38 -12.68
C3 MES E . 3.31 5.28 -14.09
N4 MES E . 2.23 4.95 -15.03
C5 MES E . 1.27 6.08 -15.04
C6 MES E . 0.68 6.22 -13.63
C7 MES E . 2.76 4.69 -16.39
C8 MES E . 2.43 3.26 -16.85
S MES E . 1.00 3.21 -17.73
O1S MES E . 1.01 4.28 -18.76
O2S MES E . -0.13 3.36 -16.77
O3S MES E . 0.89 1.91 -18.43
S SO4 F . -0.36 21.22 11.84
O1 SO4 F . -1.16 21.04 10.59
O2 SO4 F . 1.09 21.32 11.56
O3 SO4 F . -0.83 22.44 12.52
O4 SO4 F . -0.59 20.10 12.79
O1 MES G . -8.47 18.80 -12.19
C2 MES G . -8.54 18.47 -10.80
C3 MES G . -7.53 17.35 -10.51
N4 MES G . -7.82 16.15 -11.33
C5 MES G . -7.70 16.51 -12.76
C6 MES G . -8.66 17.67 -13.07
C7 MES G . -6.89 15.05 -10.92
C8 MES G . -7.31 13.70 -11.50
S MES G . -7.12 12.49 -10.35
O1S MES G . -5.68 12.20 -10.25
O2S MES G . -7.68 11.24 -10.78
O3S MES G . -7.84 12.94 -9.16
S SO4 H . -6.94 21.43 -8.22
O1 SO4 H . -6.85 22.89 -8.42
O2 SO4 H . -8.08 20.98 -7.35
O3 SO4 H . -7.07 20.82 -9.55
O4 SO4 H . -5.70 21.03 -7.54
S SO4 I . -6.41 -0.20 8.77
O1 SO4 I . -5.42 0.21 7.71
O2 SO4 I . -5.78 -1.11 9.77
O3 SO4 I . -7.00 0.94 9.50
O4 SO4 I . -7.55 -0.92 8.13
CL CL J . -12.09 20.38 -3.06
#